data_5QQ2
#
_entry.id   5QQ2
#
_cell.length_a   57.826
_cell.length_b   57.826
_cell.length_c   395.657
_cell.angle_alpha   90.000
_cell.angle_beta   90.000
_cell.angle_gamma   120.000
#
_symmetry.space_group_name_H-M   'P 61 2 2'
#
loop_
_entity.id
_entity.type
_entity.pdbx_description
1 polymer 'Farnesyl diphosphate synthase'
2 non-polymer 'SULFATE ION'
3 non-polymer 'ACETATE ION'
4 non-polymer 'ZINC ION'
5 non-polymer (2R)-1-{[(5-methylthiophen-2-yl)methyl]amino}propan-2-ol
6 water water
#
_entity_poly.entity_id   1
_entity_poly.type   'polypeptide(L)'
_entity_poly.pdbx_seq_one_letter_code
;GPMASMERFLSVYDEVQAFLLDQLQSKYEIDPNRARYLRIMMDTTCLGGKYFRGMTVVNVAEGFLAVTQHDEATKERILH
DACVGGWMIEFLQAHYLVEDDIMDGSVMRRGKPCWYRFPGVTTQCAINDGIILKSWTQIMAWHYFADRPFLKDLLCLFQK
VDYATAVGQMYDVTSMCDSNKLDPEVAQPMTTDFAEFTPAIYKRIVKYKTTFYTYLLPLVMGLLVSEAAASVEMNLVERV
AHLIGEYFQVQDDVMDCFTPPEQLGKVGTDIEDAKCSWLAVTFLGKANAAQVAEFKANYGEKDPAKVAVVKRLYSKANLQ
ADFAAYEAEVVREVESLIEQLKVKSPTFAESVAVVWEKTHKRKK
;
_entity_poly.pdbx_strand_id   A
#
# COMPACT_ATOMS: atom_id res chain seq x y z
N MET A 3 2.08 15.63 -23.58
CA MET A 3 1.04 14.71 -22.98
C MET A 3 1.00 14.77 -21.44
N ALA A 4 -0.21 14.86 -20.87
CA ALA A 4 -0.35 14.94 -19.43
C ALA A 4 0.02 13.56 -18.91
N SER A 5 0.48 13.57 -17.70
CA SER A 5 1.03 12.39 -17.08
C SER A 5 0.06 11.23 -17.00
N MET A 6 -1.17 11.55 -16.59
CA MET A 6 -2.17 10.52 -16.39
C MET A 6 -2.59 9.87 -17.69
N GLU A 7 -2.74 10.63 -18.78
CA GLU A 7 -3.07 10.00 -20.05
C GLU A 7 -1.94 9.15 -20.58
N ARG A 8 -0.68 9.49 -20.29
CA ARG A 8 0.41 8.63 -20.66
C ARG A 8 0.35 7.31 -19.83
N PHE A 9 0.11 7.48 -18.54
CA PHE A 9 0.09 6.35 -17.64
C PHE A 9 -1.00 5.36 -18.04
N LEU A 10 -2.19 5.89 -18.27
CA LEU A 10 -3.29 5.08 -18.74
C LEU A 10 -3.09 4.45 -20.06
N SER A 11 -2.48 5.17 -21.03
CA SER A 11 -2.11 4.54 -22.28
C SER A 11 -1.18 3.42 -22.13
N VAL A 12 -0.22 3.57 -21.24
CA VAL A 12 0.79 2.47 -21.08
C VAL A 12 0.10 1.26 -20.46
N TYR A 13 -0.95 1.45 -19.63
CA TYR A 13 -1.71 0.25 -19.15
C TYR A 13 -2.21 -0.55 -20.33
N ASP A 14 -2.85 0.09 -21.28
CA ASP A 14 -3.36 -0.59 -22.41
C ASP A 14 -2.25 -1.33 -23.20
N GLU A 15 -1.09 -0.66 -23.33
CA GLU A 15 -0.01 -1.24 -24.03
C GLU A 15 0.53 -2.51 -23.31
N VAL A 16 0.68 -2.40 -22.01
CA VAL A 16 1.20 -3.49 -21.21
C VAL A 16 0.22 -4.64 -21.18
N GLN A 17 -1.07 -4.33 -21.08
CA GLN A 17 -2.11 -5.37 -21.17
C GLN A 17 -2.06 -6.11 -22.49
N ALA A 18 -1.95 -5.37 -23.59
CA ALA A 18 -1.87 -5.99 -24.89
C ALA A 18 -0.66 -6.87 -25.03
N PHE A 19 0.47 -6.38 -24.51
CA PHE A 19 1.68 -7.14 -24.54
C PHE A 19 1.49 -8.48 -23.76
N LEU A 20 0.96 -8.39 -22.51
CA LEU A 20 0.86 -9.58 -21.68
C LEU A 20 -0.05 -10.62 -22.35
N LEU A 21 -1.22 -10.15 -22.79
CA LEU A 21 -2.19 -11.09 -23.39
C LEU A 21 -1.67 -11.63 -24.74
N ASP A 22 -1.02 -10.80 -25.54
CA ASP A 22 -0.45 -11.28 -26.80
C ASP A 22 0.61 -12.34 -26.60
N GLN A 23 1.46 -12.17 -25.60
CA GLN A 23 2.45 -13.14 -25.25
C GLN A 23 1.78 -14.42 -24.73
N LEU A 24 0.70 -14.28 -23.99
CA LEU A 24 0.04 -15.48 -23.53
C LEU A 24 -0.42 -16.32 -24.70
N GLN A 25 -1.00 -15.69 -25.72
CA GLN A 25 -1.40 -16.43 -26.97
C GLN A 25 -0.19 -16.99 -27.78
N SER A 26 0.84 -16.20 -27.93
CA SER A 26 1.96 -16.61 -28.77
C SER A 26 2.94 -17.49 -28.13
N LYS A 27 3.14 -17.43 -26.80
CA LYS A 27 4.06 -18.30 -26.18
C LYS A 27 3.52 -19.27 -25.12
N TYR A 28 2.31 -19.04 -24.62
CA TYR A 28 1.74 -19.86 -23.53
C TYR A 28 0.51 -20.61 -23.94
N GLU A 29 0.21 -20.62 -25.23
CA GLU A 29 -0.78 -21.50 -25.80
C GLU A 29 -2.17 -21.16 -25.29
N ILE A 30 -2.38 -19.92 -24.89
CA ILE A 30 -3.68 -19.63 -24.29
C ILE A 30 -4.70 -19.54 -25.35
N ASP A 31 -5.95 -19.81 -24.99
CA ASP A 31 -7.06 -19.72 -25.86
C ASP A 31 -7.81 -18.43 -25.57
N PRO A 32 -8.70 -18.03 -26.49
CA PRO A 32 -9.29 -16.74 -26.40
C PRO A 32 -10.13 -16.51 -25.19
N ASN A 33 -10.83 -17.51 -24.71
CA ASN A 33 -11.75 -17.23 -23.65
C ASN A 33 -11.01 -17.04 -22.28
N ARG A 34 -9.97 -17.83 -22.11
CA ARG A 34 -9.08 -17.67 -20.95
C ARG A 34 -8.33 -16.33 -20.98
N ALA A 35 -7.90 -15.94 -22.16
CA ALA A 35 -7.32 -14.58 -22.32
C ALA A 35 -8.32 -13.50 -21.92
N ARG A 36 -9.59 -13.66 -22.32
CA ARG A 36 -10.60 -12.69 -21.89
C ARG A 36 -10.79 -12.72 -20.35
N TYR A 37 -10.85 -13.94 -19.78
CA TYR A 37 -10.94 -14.02 -18.33
C TYR A 37 -9.80 -13.18 -17.69
N LEU A 38 -8.58 -13.37 -18.17
CA LEU A 38 -7.39 -12.68 -17.59
C LEU A 38 -7.39 -11.17 -17.80
N ARG A 39 -7.91 -10.78 -18.95
CA ARG A 39 -8.10 -9.38 -19.26
C ARG A 39 -9.03 -8.76 -18.31
N ILE A 40 -10.17 -9.46 -18.06
CA ILE A 40 -11.18 -8.91 -17.16
C ILE A 40 -10.63 -8.90 -15.73
N MET A 41 -9.93 -9.95 -15.34
CA MET A 41 -9.26 -10.00 -14.01
C MET A 41 -8.30 -8.81 -13.82
N MET A 42 -7.47 -8.59 -14.82
CA MET A 42 -6.51 -7.49 -14.73
C MET A 42 -7.25 -6.22 -14.55
N ASP A 43 -8.25 -5.94 -15.42
CA ASP A 43 -8.94 -4.67 -15.28
C ASP A 43 -9.63 -4.52 -13.94
N THR A 44 -10.26 -5.58 -13.49
CA THR A 44 -11.01 -5.52 -12.26
C THR A 44 -10.18 -5.33 -11.05
N THR A 45 -8.98 -5.90 -11.00
CA THR A 45 -8.11 -5.82 -9.88
C THR A 45 -7.14 -4.66 -9.92
N CYS A 46 -6.80 -4.17 -11.10
CA CYS A 46 -5.70 -3.18 -11.18
C CYS A 46 -6.20 -1.75 -11.40
N LEU A 47 -7.43 -1.61 -11.91
CA LEU A 47 -8.01 -0.34 -12.26
C LEU A 47 -9.07 0.09 -11.29
N GLY A 48 -9.27 1.40 -11.27
CA GLY A 48 -10.36 2.03 -10.53
C GLY A 48 -10.00 2.73 -9.26
N GLY A 49 -8.76 2.60 -8.75
CA GLY A 49 -8.19 3.43 -7.75
C GLY A 49 -7.67 4.79 -8.27
N LYS A 50 -6.86 5.49 -7.47
CA LYS A 50 -6.36 6.82 -7.87
C LYS A 50 -4.96 6.71 -8.59
N TYR A 51 -4.36 5.54 -8.50
CA TYR A 51 -3.03 5.30 -9.13
C TYR A 51 -2.01 6.17 -8.47
N PHE A 52 -2.23 6.47 -7.22
CA PHE A 52 -1.25 7.27 -6.47
C PHE A 52 0.17 6.69 -6.55
N ARG A 53 0.30 5.41 -6.29
CA ARG A 53 1.60 4.77 -6.22
C ARG A 53 2.31 4.85 -7.58
N GLY A 54 1.67 4.39 -8.60
CA GLY A 54 2.29 4.34 -9.93
C GLY A 54 2.55 5.77 -10.47
N MET A 55 1.61 6.67 -10.26
CA MET A 55 1.78 8.06 -10.61
C MET A 55 2.90 8.77 -9.88
N THR A 56 3.24 8.35 -8.66
CA THR A 56 4.39 8.87 -7.99
C THR A 56 5.68 8.61 -8.80
N VAL A 57 5.81 7.39 -9.32
CA VAL A 57 6.99 7.07 -10.14
C VAL A 57 7.13 8.12 -11.31
N VAL A 58 6.00 8.34 -11.97
CA VAL A 58 5.93 9.26 -13.10
C VAL A 58 6.26 10.66 -12.59
N ASN A 59 5.71 11.03 -11.44
CA ASN A 59 5.93 12.42 -10.99
C ASN A 59 7.37 12.71 -10.59
N VAL A 60 8.00 11.75 -9.94
CA VAL A 60 9.40 11.84 -9.63
C VAL A 60 10.20 11.96 -10.92
N ALA A 61 9.94 11.05 -11.88
CA ALA A 61 10.68 11.16 -13.18
C ALA A 61 10.50 12.52 -13.90
N GLU A 62 9.29 13.03 -13.97
CA GLU A 62 8.99 14.38 -14.59
C GLU A 62 9.76 15.47 -13.89
N GLY A 63 9.92 15.35 -12.57
CA GLY A 63 10.67 16.34 -11.79
C GLY A 63 12.08 16.40 -12.29
N PHE A 64 12.74 15.25 -12.45
CA PHE A 64 14.09 15.22 -12.99
C PHE A 64 14.20 15.65 -14.41
N LEU A 65 13.19 15.36 -15.21
CA LEU A 65 13.18 15.75 -16.61
C LEU A 65 13.24 17.25 -16.74
N ALA A 66 12.68 17.98 -15.79
CA ALA A 66 12.61 19.42 -15.86
C ALA A 66 13.97 20.06 -15.69
N VAL A 67 14.97 19.34 -15.16
CA VAL A 67 16.27 19.87 -14.77
C VAL A 67 17.45 19.13 -15.32
N THR A 68 17.22 18.18 -16.25
CA THR A 68 18.25 17.35 -16.79
C THR A 68 18.16 17.43 -18.30
N GLN A 69 19.30 17.58 -18.93
CA GLN A 69 19.36 17.67 -20.40
C GLN A 69 19.29 16.29 -21.03
N HIS A 70 18.39 16.16 -22.01
CA HIS A 70 18.14 14.87 -22.69
C HIS A 70 17.58 15.21 -24.06
N ASP A 71 17.75 14.28 -25.01
CA ASP A 71 17.09 14.27 -26.33
C ASP A 71 15.64 13.99 -26.03
N GLU A 72 14.78 14.45 -26.90
CA GLU A 72 13.33 14.21 -26.77
C GLU A 72 13.01 12.69 -26.67
N ALA A 73 13.66 11.86 -27.50
CA ALA A 73 13.41 10.42 -27.50
C ALA A 73 13.79 9.83 -26.12
N THR A 74 14.77 10.46 -25.46
CA THR A 74 15.18 10.02 -24.13
C THR A 74 14.15 10.42 -23.11
N LYS A 75 13.65 11.66 -23.17
CA LYS A 75 12.57 12.07 -22.29
C LYS A 75 11.41 11.05 -22.41
N GLU A 76 11.06 10.70 -23.61
CA GLU A 76 9.96 9.75 -23.86
C GLU A 76 10.20 8.40 -23.32
N ARG A 77 11.41 7.91 -23.51
CA ARG A 77 11.79 6.62 -22.97
C ARG A 77 11.76 6.58 -21.43
N ILE A 78 12.24 7.66 -20.81
CA ILE A 78 12.27 7.72 -19.33
C ILE A 78 10.79 7.74 -18.83
N LEU A 79 9.94 8.49 -19.50
CA LEU A 79 8.53 8.55 -19.05
C LEU A 79 7.86 7.24 -19.27
N HIS A 80 8.19 6.58 -20.35
CA HIS A 80 7.57 5.24 -20.60
C HIS A 80 8.03 4.28 -19.51
N ASP A 81 9.34 4.32 -19.21
CA ASP A 81 9.89 3.47 -18.12
C ASP A 81 9.21 3.80 -16.77
N ALA A 82 8.98 5.07 -16.46
CA ALA A 82 8.32 5.42 -15.25
C ALA A 82 6.88 4.90 -15.16
N CYS A 83 6.19 4.93 -16.27
CA CYS A 83 4.81 4.38 -16.39
C CYS A 83 4.80 2.84 -16.23
N VAL A 84 5.70 2.14 -16.91
CA VAL A 84 5.84 0.72 -16.75
C VAL A 84 6.17 0.37 -15.29
N GLY A 85 7.13 1.06 -14.74
CA GLY A 85 7.49 0.87 -13.33
C GLY A 85 6.32 1.15 -12.37
N GLY A 86 5.60 2.21 -12.65
CA GLY A 86 4.36 2.57 -11.92
C GLY A 86 3.36 1.40 -11.97
N TRP A 87 3.16 0.83 -13.16
CA TRP A 87 2.26 -0.28 -13.30
C TRP A 87 2.76 -1.52 -12.55
N MET A 88 4.09 -1.72 -12.49
CA MET A 88 4.53 -2.81 -11.67
C MET A 88 4.02 -2.67 -10.23
N ILE A 89 4.09 -1.46 -9.67
CA ILE A 89 3.75 -1.27 -8.28
C ILE A 89 2.20 -1.42 -8.16
N GLU A 90 1.44 -0.90 -9.16
CA GLU A 90 -0.03 -1.05 -9.09
C GLU A 90 -0.45 -2.57 -9.12
N PHE A 91 0.21 -3.37 -9.96
CA PHE A 91 -0.05 -4.76 -10.10
C PHE A 91 0.39 -5.50 -8.82
N LEU A 92 1.51 -5.07 -8.22
CA LEU A 92 1.93 -5.64 -6.93
C LEU A 92 0.86 -5.37 -5.89
N GLN A 93 0.39 -4.15 -5.86
CA GLN A 93 -0.76 -3.83 -4.93
C GLN A 93 -1.95 -4.74 -5.23
N ALA A 94 -2.37 -4.85 -6.48
CA ALA A 94 -3.48 -5.69 -6.93
C ALA A 94 -3.34 -7.11 -6.40
N HIS A 95 -2.13 -7.69 -6.51
CA HIS A 95 -1.77 -9.00 -5.90
C HIS A 95 -2.14 -9.01 -4.45
N TYR A 96 -1.60 -8.06 -3.70
CA TYR A 96 -1.87 -8.03 -2.28
C TYR A 96 -3.31 -7.79 -1.91
N LEU A 97 -4.02 -6.97 -2.66
CA LEU A 97 -5.44 -6.74 -2.34
C LEU A 97 -6.29 -7.96 -2.61
N VAL A 98 -6.04 -8.67 -3.72
CA VAL A 98 -6.69 -9.94 -4.00
C VAL A 98 -6.48 -10.94 -2.85
N GLU A 99 -5.25 -11.16 -2.50
CA GLU A 99 -4.95 -12.22 -1.55
C GLU A 99 -5.42 -11.82 -0.12
N ASP A 100 -5.20 -10.56 0.23
CA ASP A 100 -5.66 -10.02 1.52
C ASP A 100 -7.17 -10.12 1.69
N ASP A 101 -7.92 -9.79 0.64
CA ASP A 101 -9.38 -9.87 0.68
C ASP A 101 -9.83 -11.31 0.93
N ILE A 102 -9.14 -12.29 0.35
CA ILE A 102 -9.46 -13.71 0.51
C ILE A 102 -9.08 -14.10 1.94
N MET A 103 -7.89 -13.73 2.40
CA MET A 103 -7.41 -14.06 3.71
C MET A 103 -8.35 -13.52 4.81
N ASP A 104 -8.89 -12.31 4.61
CA ASP A 104 -9.66 -11.62 5.62
C ASP A 104 -11.16 -11.93 5.47
N GLY A 105 -11.57 -12.60 4.41
CA GLY A 105 -12.96 -12.83 4.13
C GLY A 105 -13.65 -11.51 3.89
N SER A 106 -12.99 -10.54 3.25
CA SER A 106 -13.61 -9.29 2.95
C SER A 106 -14.75 -9.33 1.96
N VAL A 107 -15.61 -8.31 2.01
CA VAL A 107 -16.83 -8.38 1.20
C VAL A 107 -16.71 -7.44 -0.01
N MET A 108 -16.31 -6.20 0.25
CA MET A 108 -16.19 -5.21 -0.75
C MET A 108 -14.82 -4.55 -0.68
N ARG A 109 -14.49 -3.87 -1.75
CA ARG A 109 -13.28 -3.07 -1.89
C ARG A 109 -13.59 -2.08 -2.99
N ARG A 110 -13.40 -0.79 -2.71
CA ARG A 110 -13.75 0.30 -3.67
C ARG A 110 -15.25 0.25 -4.11
N GLY A 111 -16.15 -0.15 -3.21
CA GLY A 111 -17.60 -0.13 -3.52
C GLY A 111 -17.99 -1.18 -4.56
N LYS A 112 -17.14 -2.20 -4.72
CA LYS A 112 -17.46 -3.34 -5.56
C LYS A 112 -17.08 -4.62 -4.79
N PRO A 113 -17.68 -5.73 -5.18
CA PRO A 113 -17.32 -6.99 -4.57
C PRO A 113 -15.83 -7.32 -4.71
N CYS A 114 -15.24 -7.91 -3.68
CA CYS A 114 -13.86 -8.45 -3.83
C CYS A 114 -13.79 -9.47 -4.93
N TRP A 115 -12.69 -9.44 -5.73
CA TRP A 115 -12.50 -10.38 -6.81
C TRP A 115 -12.95 -11.82 -6.52
N TYR A 116 -12.58 -12.40 -5.40
CA TYR A 116 -12.90 -13.75 -5.16
C TYR A 116 -14.38 -14.05 -5.05
N ARG A 117 -15.17 -13.01 -4.78
CA ARG A 117 -16.61 -13.12 -4.68
C ARG A 117 -17.33 -13.07 -5.95
N PHE A 118 -16.67 -12.73 -7.06
CA PHE A 118 -17.37 -12.71 -8.33
C PHE A 118 -17.87 -14.15 -8.65
N PRO A 119 -19.07 -14.26 -9.22
CA PRO A 119 -19.62 -15.64 -9.30
C PRO A 119 -18.77 -16.68 -10.08
N GLY A 120 -18.11 -16.21 -11.10
CA GLY A 120 -17.31 -17.09 -12.01
C GLY A 120 -15.81 -17.12 -11.64
N VAL A 121 -15.45 -16.59 -10.49
CA VAL A 121 -14.05 -16.59 -9.99
C VAL A 121 -13.94 -17.65 -8.91
N THR A 122 -14.43 -17.38 -7.74
CA THR A 122 -14.23 -18.28 -6.55
C THR A 122 -12.82 -18.25 -6.02
N THR A 123 -12.67 -18.65 -4.78
CA THR A 123 -11.41 -18.53 -4.12
C THR A 123 -10.37 -19.41 -4.88
N GLN A 124 -10.80 -20.55 -5.35
CA GLN A 124 -9.91 -21.50 -6.00
C GLN A 124 -9.19 -20.80 -7.12
N CYS A 125 -9.88 -19.97 -7.89
CA CYS A 125 -9.25 -19.33 -9.01
C CYS A 125 -8.59 -18.05 -8.55
N ALA A 126 -9.21 -17.36 -7.58
CA ALA A 126 -8.72 -16.04 -7.18
C ALA A 126 -7.34 -16.06 -6.51
N ILE A 127 -7.07 -17.12 -5.75
CA ILE A 127 -5.75 -17.25 -5.15
C ILE A 127 -4.73 -17.23 -6.29
N ASN A 128 -4.99 -18.04 -7.33
CA ASN A 128 -4.04 -18.13 -8.43
C ASN A 128 -4.01 -16.88 -9.26
N ASP A 129 -5.16 -16.25 -9.44
CA ASP A 129 -5.21 -14.92 -10.14
C ASP A 129 -4.28 -13.92 -9.48
N GLY A 130 -4.27 -13.91 -8.13
CA GLY A 130 -3.39 -13.07 -7.39
C GLY A 130 -1.95 -13.34 -7.57
N ILE A 131 -1.62 -14.62 -7.72
CA ILE A 131 -0.23 -15.05 -8.04
C ILE A 131 0.17 -14.52 -9.44
N ILE A 132 -0.72 -14.65 -10.39
CA ILE A 132 -0.50 -14.18 -11.75
C ILE A 132 -0.21 -12.72 -11.72
N LEU A 133 -1.03 -11.95 -11.03
CA LEU A 133 -0.83 -10.50 -10.91
C LEU A 133 0.56 -10.13 -10.53
N LYS A 134 1.10 -10.80 -9.54
CA LYS A 134 2.51 -10.49 -9.16
C LYS A 134 3.49 -11.02 -10.21
N SER A 135 3.21 -12.21 -10.77
CA SER A 135 4.10 -12.67 -11.90
C SER A 135 4.18 -11.70 -13.04
N TRP A 136 3.06 -11.05 -13.37
CA TRP A 136 3.04 -10.08 -14.43
C TRP A 136 3.95 -8.85 -14.16
N THR A 137 4.20 -8.50 -12.88
CA THR A 137 5.18 -7.46 -12.61
C THR A 137 6.58 -7.84 -13.09
N GLN A 138 6.95 -9.08 -12.93
CA GLN A 138 8.24 -9.59 -13.39
C GLN A 138 8.28 -9.65 -14.89
N ILE A 139 7.19 -10.04 -15.53
CA ILE A 139 7.20 -10.18 -17.02
C ILE A 139 7.36 -8.83 -17.58
N MET A 140 6.71 -7.82 -17.01
CA MET A 140 6.85 -6.45 -17.48
C MET A 140 8.28 -5.99 -17.34
N ALA A 141 8.88 -6.19 -16.18
CA ALA A 141 10.23 -5.69 -15.94
C ALA A 141 11.25 -6.29 -16.97
N TRP A 142 11.22 -7.59 -17.12
CA TRP A 142 12.14 -8.29 -18.01
C TRP A 142 11.95 -7.91 -19.50
N HIS A 143 10.70 -7.71 -19.90
CA HIS A 143 10.43 -7.28 -21.25
C HIS A 143 10.92 -5.85 -21.49
N TYR A 144 10.42 -4.88 -20.74
CA TYR A 144 10.59 -3.47 -21.05
C TYR A 144 11.92 -2.97 -20.58
N PHE A 145 12.45 -3.58 -19.52
CA PHE A 145 13.77 -3.09 -19.01
C PHE A 145 14.97 -3.96 -19.29
N ALA A 146 14.85 -4.86 -20.28
CA ALA A 146 15.83 -5.90 -20.53
C ALA A 146 17.26 -5.36 -20.68
N ASP A 147 17.40 -4.29 -21.42
CA ASP A 147 18.76 -3.74 -21.59
C ASP A 147 19.07 -2.53 -20.69
N ARG A 148 18.20 -2.20 -19.75
CA ARG A 148 18.39 -0.98 -18.97
C ARG A 148 19.43 -1.10 -17.88
N PRO A 149 20.19 -0.05 -17.68
CA PRO A 149 21.24 -0.18 -16.69
C PRO A 149 20.73 -0.33 -15.28
N PHE A 150 19.52 0.12 -15.00
CA PHE A 150 18.89 0.02 -13.70
C PHE A 150 18.11 -1.28 -13.43
N LEU A 151 18.16 -2.25 -14.33
CA LEU A 151 17.39 -3.47 -14.23
C LEU A 151 17.68 -4.22 -12.95
N LYS A 152 18.96 -4.44 -12.68
CA LYS A 152 19.36 -5.16 -11.47
C LYS A 152 18.85 -4.45 -10.21
N ASP A 153 19.21 -3.19 -10.05
CA ASP A 153 18.80 -2.41 -8.91
C ASP A 153 17.30 -2.42 -8.73
N LEU A 154 16.58 -2.18 -9.82
CA LEU A 154 15.10 -2.17 -9.81
C LEU A 154 14.52 -3.52 -9.37
N LEU A 155 14.98 -4.61 -9.95
CA LEU A 155 14.49 -5.96 -9.55
C LEU A 155 14.84 -6.27 -8.11
N CYS A 156 16.08 -5.96 -7.67
CA CYS A 156 16.50 -6.21 -6.27
C CYS A 156 15.62 -5.38 -5.25
N LEU A 157 15.40 -4.10 -5.53
CA LEU A 157 14.50 -3.22 -4.76
C LEU A 157 13.04 -3.80 -4.68
N PHE A 158 12.50 -4.17 -5.88
CA PHE A 158 11.16 -4.70 -6.00
C PHE A 158 11.01 -5.90 -5.12
N GLN A 159 12.00 -6.75 -5.17
N GLN A 159 11.97 -6.81 -5.11
CA GLN A 159 12.09 -8.01 -4.49
CA GLN A 159 11.86 -8.05 -4.35
C GLN A 159 12.01 -7.80 -2.96
C GLN A 159 11.89 -7.72 -2.86
N LYS A 160 12.83 -6.90 -2.46
CA LYS A 160 12.92 -6.56 -1.06
C LYS A 160 11.61 -5.90 -0.52
N VAL A 161 11.00 -5.03 -1.33
CA VAL A 161 9.77 -4.43 -0.95
C VAL A 161 8.62 -5.44 -0.91
N ASP A 162 8.57 -6.33 -1.90
CA ASP A 162 7.57 -7.42 -1.92
C ASP A 162 7.70 -8.24 -0.64
N TYR A 163 8.90 -8.70 -0.33
CA TYR A 163 9.16 -9.47 0.87
C TYR A 163 8.81 -8.72 2.18
N ALA A 164 9.26 -7.47 2.32
CA ALA A 164 8.86 -6.66 3.47
C ALA A 164 7.35 -6.64 3.63
N THR A 165 6.66 -6.52 2.50
CA THR A 165 5.20 -6.45 2.45
C THR A 165 4.56 -7.72 2.99
N ALA A 166 5.07 -8.86 2.55
CA ALA A 166 4.54 -10.15 3.02
C ALA A 166 4.86 -10.32 4.50
N VAL A 167 6.03 -9.87 4.92
CA VAL A 167 6.34 -9.88 6.38
C VAL A 167 5.39 -8.99 7.19
N GLY A 168 5.06 -7.81 6.64
CA GLY A 168 4.07 -6.93 7.16
C GLY A 168 2.68 -7.55 7.30
N GLN A 169 2.31 -8.35 6.30
CA GLN A 169 1.11 -9.00 6.38
C GLN A 169 1.06 -10.01 7.54
N MET A 170 2.17 -10.70 7.75
CA MET A 170 2.25 -11.69 8.87
C MET A 170 2.11 -10.89 10.18
N TYR A 171 2.81 -9.74 10.27
CA TYR A 171 2.74 -8.90 11.52
C TYR A 171 1.31 -8.46 11.74
N ASP A 172 0.58 -8.07 10.68
CA ASP A 172 -0.79 -7.62 10.80
C ASP A 172 -1.76 -8.75 11.26
N VAL A 173 -1.70 -9.88 10.60
CA VAL A 173 -2.74 -10.90 10.87
C VAL A 173 -2.46 -11.57 12.20
N THR A 174 -1.24 -11.43 12.74
CA THR A 174 -0.89 -12.01 14.03
C THR A 174 -0.86 -10.93 15.14
N SER A 175 -1.34 -9.75 14.85
CA SER A 175 -1.21 -8.60 15.76
C SER A 175 -2.11 -8.71 17.04
N MET A 176 -3.10 -9.59 17.00
CA MET A 176 -4.04 -9.77 18.09
C MET A 176 -3.84 -11.04 18.80
N CYS A 177 -2.75 -11.74 18.51
CA CYS A 177 -2.30 -12.92 19.24
C CYS A 177 -1.28 -12.53 20.24
N ASP A 178 -1.09 -13.34 21.29
CA ASP A 178 0.03 -13.11 22.21
C ASP A 178 1.26 -13.74 21.57
N SER A 179 2.37 -13.01 21.40
CA SER A 179 3.52 -13.56 20.70
C SER A 179 4.01 -14.83 21.27
N ASN A 180 3.99 -14.91 22.59
CA ASN A 180 4.54 -16.09 23.26
C ASN A 180 3.65 -17.32 23.05
N LYS A 181 2.41 -17.14 22.58
CA LYS A 181 1.51 -18.27 22.28
C LYS A 181 1.48 -18.66 20.77
N LEU A 182 2.21 -17.99 19.87
CA LEU A 182 2.24 -18.37 18.47
C LEU A 182 2.72 -19.76 18.33
N ASP A 183 1.99 -20.59 17.62
CA ASP A 183 2.34 -21.97 17.52
C ASP A 183 1.50 -22.64 16.47
N PRO A 184 2.12 -23.10 15.37
CA PRO A 184 1.33 -23.73 14.32
C PRO A 184 0.47 -24.89 14.76
N GLU A 185 0.90 -25.57 15.84
CA GLU A 185 0.12 -26.65 16.38
C GLU A 185 -1.10 -26.30 17.16
N VAL A 186 -1.28 -25.04 17.57
CA VAL A 186 -2.35 -24.71 18.56
C VAL A 186 -3.12 -23.53 18.06
N ALA A 187 -4.48 -23.65 18.04
CA ALA A 187 -5.33 -22.59 17.59
C ALA A 187 -5.09 -21.35 18.43
N GLN A 188 -4.99 -20.21 17.76
CA GLN A 188 -4.53 -18.98 18.43
C GLN A 188 -5.66 -18.25 19.15
N PRO A 189 -5.49 -18.04 20.47
CA PRO A 189 -6.55 -17.28 21.17
C PRO A 189 -6.29 -15.80 20.96
N MET A 190 -7.33 -15.00 20.93
CA MET A 190 -7.17 -13.52 20.97
C MET A 190 -6.44 -13.14 22.29
N THR A 191 -5.54 -12.15 22.24
CA THR A 191 -4.97 -11.56 23.43
C THR A 191 -6.04 -11.14 24.40
N THR A 192 -5.79 -11.41 25.69
CA THR A 192 -6.68 -10.87 26.76
C THR A 192 -6.10 -9.62 27.40
N ASP A 193 -4.77 -9.52 27.46
CA ASP A 193 -4.09 -8.36 28.07
C ASP A 193 -3.82 -7.16 27.14
N PHE A 194 -3.88 -7.34 25.81
CA PHE A 194 -3.58 -6.30 24.85
C PHE A 194 -2.23 -5.62 25.13
N ALA A 195 -1.28 -6.33 25.69
CA ALA A 195 0.03 -5.78 26.04
C ALA A 195 0.84 -5.47 24.83
N GLU A 196 0.54 -6.14 23.72
CA GLU A 196 1.24 -5.87 22.47
C GLU A 196 0.58 -4.79 21.60
N PHE A 197 -0.38 -4.02 22.14
CA PHE A 197 -0.96 -2.93 21.40
C PHE A 197 -0.22 -1.66 21.84
N THR A 198 1.02 -1.53 21.39
CA THR A 198 1.84 -0.38 21.70
C THR A 198 2.13 0.43 20.43
N PRO A 199 2.54 1.72 20.58
CA PRO A 199 3.02 2.50 19.44
C PRO A 199 4.14 1.80 18.67
N ALA A 200 5.14 1.22 19.32
CA ALA A 200 6.25 0.63 18.63
C ALA A 200 5.83 -0.57 17.82
N ILE A 201 4.85 -1.30 18.34
CA ILE A 201 4.43 -2.53 17.70
C ILE A 201 3.54 -2.17 16.51
N TYR A 202 2.63 -1.22 16.71
CA TYR A 202 1.81 -0.69 15.65
C TYR A 202 2.70 -0.20 14.53
N LYS A 203 3.73 0.57 14.87
CA LYS A 203 4.66 1.10 13.87
C LYS A 203 5.32 0.01 13.05
N ARG A 204 5.72 -1.07 13.68
CA ARG A 204 6.34 -2.18 12.95
C ARG A 204 5.36 -2.78 11.92
N ILE A 205 4.14 -3.08 12.32
CA ILE A 205 3.12 -3.57 11.36
C ILE A 205 3.03 -2.66 10.18
N VAL A 206 2.85 -1.35 10.43
CA VAL A 206 2.53 -0.42 9.38
C VAL A 206 3.74 -0.22 8.46
N LYS A 207 4.95 -0.14 9.06
CA LYS A 207 6.17 0.11 8.32
C LYS A 207 6.28 -0.96 7.24
N TYR A 208 6.11 -2.22 7.65
CA TYR A 208 6.26 -3.34 6.69
C TYR A 208 5.05 -3.57 5.77
N LYS A 209 3.85 -3.54 6.34
CA LYS A 209 2.65 -3.87 5.57
C LYS A 209 2.32 -2.82 4.50
N THR A 210 2.67 -1.56 4.76
CA THR A 210 2.16 -0.42 3.97
C THR A 210 3.25 0.45 3.37
N THR A 211 4.17 0.92 4.19
CA THR A 211 5.08 2.05 3.76
C THR A 211 6.09 1.62 2.70
N PHE A 212 6.61 0.40 2.76
CA PHE A 212 7.61 -0.01 1.77
C PHE A 212 7.00 0.06 0.35
N TYR A 213 5.82 -0.53 0.12
CA TYR A 213 5.25 -0.60 -1.23
C TYR A 213 4.52 0.68 -1.61
N THR A 214 4.00 1.46 -0.64
CA THR A 214 3.17 2.59 -0.98
C THR A 214 3.98 3.87 -1.14
N TYR A 215 5.04 4.00 -0.35
CA TYR A 215 5.85 5.23 -0.45
C TYR A 215 7.30 4.98 -0.79
N LEU A 216 8.01 4.02 -0.17
CA LEU A 216 9.38 3.84 -0.51
C LEU A 216 9.59 3.40 -1.96
N LEU A 217 8.87 2.40 -2.40
CA LEU A 217 9.07 1.83 -3.76
C LEU A 217 8.74 2.84 -4.83
N PRO A 218 7.59 3.56 -4.75
CA PRO A 218 7.37 4.57 -5.86
C PRO A 218 8.48 5.61 -5.91
N LEU A 219 8.94 6.09 -4.76
CA LEU A 219 9.97 7.15 -4.73
C LEU A 219 11.25 6.64 -5.33
N VAL A 220 11.68 5.48 -4.87
CA VAL A 220 12.98 4.95 -5.29
C VAL A 220 12.95 4.44 -6.72
N MET A 221 11.85 3.86 -7.13
CA MET A 221 11.71 3.52 -8.58
C MET A 221 11.76 4.74 -9.52
N GLY A 222 11.15 5.82 -9.12
CA GLY A 222 11.31 7.07 -9.88
C GLY A 222 12.77 7.46 -9.98
N LEU A 223 13.49 7.37 -8.87
CA LEU A 223 14.93 7.64 -8.91
C LEU A 223 15.66 6.67 -9.85
N LEU A 224 15.28 5.40 -9.83
CA LEU A 224 15.98 4.42 -10.63
C LEU A 224 15.80 4.64 -12.13
N VAL A 225 14.57 4.88 -12.55
CA VAL A 225 14.27 4.99 -13.98
C VAL A 225 14.85 6.35 -14.53
N SER A 226 15.10 7.31 -13.65
CA SER A 226 15.77 8.54 -13.94
C SER A 226 17.31 8.54 -13.82
N GLU A 227 17.88 7.44 -13.36
CA GLU A 227 19.32 7.32 -13.17
C GLU A 227 19.78 8.42 -12.22
N ALA A 228 19.00 8.57 -11.16
CA ALA A 228 19.15 9.70 -10.25
C ALA A 228 19.34 9.25 -8.80
N ALA A 229 19.58 7.98 -8.51
CA ALA A 229 19.78 7.59 -7.11
C ALA A 229 20.88 8.40 -6.41
N ALA A 230 21.86 8.89 -7.15
CA ALA A 230 22.95 9.68 -6.51
C ALA A 230 22.64 11.15 -6.19
N SER A 231 21.47 11.64 -6.56
CA SER A 231 21.02 12.95 -6.15
C SER A 231 20.31 12.92 -4.79
N VAL A 232 20.34 11.77 -4.11
CA VAL A 232 19.66 11.60 -2.83
C VAL A 232 20.48 10.83 -1.85
N GLU A 233 20.27 11.18 -0.61
CA GLU A 233 20.70 10.39 0.52
C GLU A 233 19.60 9.33 0.79
N MET A 234 19.89 8.08 0.46
CA MET A 234 18.89 7.02 0.60
C MET A 234 18.37 6.85 2.04
N ASN A 235 19.22 7.00 3.08
CA ASN A 235 18.66 7.01 4.45
C ASN A 235 17.58 8.05 4.69
N LEU A 236 17.70 9.21 4.05
CA LEU A 236 16.67 10.23 4.18
C LEU A 236 15.42 9.79 3.46
N VAL A 237 15.55 9.19 2.26
CA VAL A 237 14.36 8.73 1.53
C VAL A 237 13.61 7.70 2.36
N GLU A 238 14.32 6.80 3.01
CA GLU A 238 13.67 5.79 3.79
C GLU A 238 12.92 6.39 4.98
N ARG A 239 13.59 7.34 5.64
CA ARG A 239 13.02 7.93 6.85
C ARG A 239 11.74 8.66 6.52
N VAL A 240 11.73 9.42 5.44
CA VAL A 240 10.57 10.22 5.09
C VAL A 240 9.44 9.32 4.61
N ALA A 241 9.81 8.30 3.85
CA ALA A 241 8.86 7.30 3.45
C ALA A 241 8.16 6.67 4.63
N HIS A 242 8.93 6.28 5.64
CA HIS A 242 8.35 5.58 6.79
C HIS A 242 7.44 6.52 7.56
N LEU A 243 7.83 7.78 7.63
CA LEU A 243 6.97 8.77 8.27
C LEU A 243 5.67 9.04 7.57
N ILE A 244 5.75 9.35 6.27
CA ILE A 244 4.57 9.58 5.54
C ILE A 244 3.65 8.36 5.48
N GLY A 245 4.23 7.16 5.34
CA GLY A 245 3.42 5.95 5.23
C GLY A 245 2.69 5.67 6.55
N GLU A 246 3.35 5.87 7.69
CA GLU A 246 2.70 5.66 8.96
C GLU A 246 1.47 6.56 9.12
N TYR A 247 1.64 7.81 8.73
CA TYR A 247 0.58 8.79 8.76
C TYR A 247 -0.58 8.41 7.87
N PHE A 248 -0.25 7.92 6.67
CA PHE A 248 -1.25 7.41 5.76
C PHE A 248 -2.13 6.33 6.43
N GLN A 249 -1.45 5.41 7.10
CA GLN A 249 -2.13 4.29 7.76
C GLN A 249 -2.97 4.75 8.93
N VAL A 250 -2.53 5.78 9.61
CA VAL A 250 -3.21 6.23 10.78
C VAL A 250 -4.52 6.78 10.31
N GLN A 251 -4.50 7.52 9.21
CA GLN A 251 -5.73 8.03 8.63
C GLN A 251 -6.68 6.93 8.23
N ASP A 252 -6.18 5.91 7.54
CA ASP A 252 -7.01 4.77 7.15
C ASP A 252 -7.63 4.06 8.36
N ASP A 253 -6.82 3.89 9.42
CA ASP A 253 -7.33 3.29 10.67
C ASP A 253 -8.46 4.16 11.28
N VAL A 254 -8.30 5.46 11.30
CA VAL A 254 -9.40 6.31 11.75
C VAL A 254 -10.65 6.18 10.90
N MET A 255 -10.48 6.16 9.61
CA MET A 255 -11.63 6.13 8.70
C MET A 255 -12.37 4.78 8.74
N ASP A 256 -11.66 3.70 9.02
CA ASP A 256 -12.26 2.34 9.10
C ASP A 256 -13.38 2.32 10.12
N CYS A 257 -13.18 3.09 11.18
CA CYS A 257 -14.14 3.18 12.27
C CYS A 257 -15.20 4.26 11.97
N PHE A 258 -14.78 5.44 11.53
CA PHE A 258 -15.69 6.63 11.54
C PHE A 258 -16.24 7.12 10.20
N THR A 259 -15.65 6.72 9.08
CA THR A 259 -16.13 7.17 7.77
C THR A 259 -17.33 6.28 7.38
N PRO A 260 -18.45 6.88 6.91
CA PRO A 260 -19.54 6.12 6.32
C PRO A 260 -19.04 5.10 5.28
N PRO A 261 -19.66 3.91 5.23
CA PRO A 261 -19.23 2.91 4.24
C PRO A 261 -19.12 3.41 2.77
N GLU A 262 -19.96 4.38 2.37
CA GLU A 262 -19.96 4.95 1.01
C GLU A 262 -18.66 5.63 0.55
N GLN A 263 -17.86 6.14 1.50
CA GLN A 263 -16.63 6.88 1.19
C GLN A 263 -15.40 5.99 1.21
N LEU A 264 -15.31 5.12 2.21
CA LEU A 264 -14.24 4.10 2.25
C LEU A 264 -14.48 2.94 1.26
N GLY A 265 -15.73 2.75 0.82
CA GLY A 265 -16.07 1.74 -0.19
C GLY A 265 -16.17 0.31 0.36
N LYS A 266 -16.59 0.22 1.63
CA LYS A 266 -16.68 -1.03 2.40
C LYS A 266 -17.31 -0.79 3.80
N VAL A 267 -17.80 -1.85 4.44
CA VAL A 267 -18.13 -1.85 5.87
C VAL A 267 -16.81 -2.15 6.61
N GLY A 268 -16.33 -1.18 7.39
CA GLY A 268 -15.09 -1.34 8.21
C GLY A 268 -15.28 -2.40 9.29
N THR A 269 -14.29 -3.30 9.44
CA THR A 269 -14.36 -4.39 10.41
C THR A 269 -13.13 -4.46 11.37
N ASP A 270 -12.34 -3.37 11.52
CA ASP A 270 -11.10 -3.44 12.36
C ASP A 270 -11.40 -3.82 13.82
N ILE A 271 -12.52 -3.30 14.32
CA ILE A 271 -12.93 -3.65 15.68
C ILE A 271 -13.27 -5.12 15.85
N GLU A 272 -14.07 -5.65 14.92
CA GLU A 272 -14.51 -7.03 14.97
C GLU A 272 -13.35 -7.97 14.72
N ASP A 273 -12.43 -7.56 13.84
CA ASP A 273 -11.22 -8.36 13.58
C ASP A 273 -10.15 -8.22 14.65
N ALA A 274 -10.41 -7.33 15.63
CA ALA A 274 -9.51 -7.09 16.74
C ALA A 274 -8.16 -6.56 16.21
N LYS A 275 -8.23 -5.66 15.24
CA LYS A 275 -6.95 -5.18 14.66
C LYS A 275 -6.18 -4.27 15.64
N CYS A 276 -4.87 -4.30 15.49
CA CYS A 276 -4.01 -3.42 16.20
C CYS A 276 -4.07 -2.09 15.40
N SER A 277 -5.12 -1.32 15.60
CA SER A 277 -5.24 -0.05 14.89
C SER A 277 -4.71 1.13 15.71
N TRP A 278 -4.52 2.26 15.05
CA TRP A 278 -4.06 3.46 15.75
C TRP A 278 -5.06 3.87 16.82
N LEU A 279 -6.35 3.70 16.54
CA LEU A 279 -7.42 3.97 17.53
C LEU A 279 -7.29 3.12 18.77
N ALA A 280 -7.09 1.81 18.62
CA ALA A 280 -6.99 0.95 19.79
C ALA A 280 -5.74 1.24 20.66
N VAL A 281 -4.60 1.44 20.01
CA VAL A 281 -3.33 1.70 20.66
C VAL A 281 -3.46 3.04 21.38
N THR A 282 -3.99 4.05 20.71
CA THR A 282 -4.02 5.40 21.29
C THR A 282 -5.06 5.42 22.45
N PHE A 283 -6.20 4.74 22.23
CA PHE A 283 -7.21 4.60 23.31
C PHE A 283 -6.59 3.93 24.56
N LEU A 284 -5.73 2.92 24.36
CA LEU A 284 -5.21 2.20 25.47
C LEU A 284 -4.07 3.03 26.14
N GLY A 285 -3.49 3.96 25.40
CA GLY A 285 -2.48 4.82 25.88
C GLY A 285 -3.05 5.97 26.70
N LYS A 286 -4.38 6.13 26.78
CA LYS A 286 -4.93 7.17 27.66
C LYS A 286 -6.07 6.77 28.58
N ALA A 287 -6.60 5.54 28.42
CA ALA A 287 -7.76 5.06 29.11
C ALA A 287 -7.45 4.86 30.58
N ASN A 288 -8.49 4.97 31.42
CA ASN A 288 -8.35 4.61 32.81
C ASN A 288 -8.70 3.12 32.96
N ALA A 289 -8.59 2.60 34.19
CA ALA A 289 -8.79 1.18 34.45
C ALA A 289 -10.14 0.71 33.93
N ALA A 290 -11.18 1.45 34.25
CA ALA A 290 -12.50 0.99 33.91
C ALA A 290 -12.71 0.94 32.40
N GLN A 291 -12.27 1.97 31.70
CA GLN A 291 -12.28 2.06 30.19
C GLN A 291 -11.56 0.87 29.50
N VAL A 292 -10.41 0.54 30.07
CA VAL A 292 -9.62 -0.57 29.60
C VAL A 292 -10.43 -1.83 29.76
N ALA A 293 -11.02 -2.04 30.93
CA ALA A 293 -11.82 -3.25 31.17
C ALA A 293 -13.07 -3.37 30.25
N GLU A 294 -13.68 -2.23 29.96
CA GLU A 294 -14.81 -2.22 29.04
C GLU A 294 -14.33 -2.52 27.59
N PHE A 295 -13.17 -1.97 27.21
CA PHE A 295 -12.58 -2.23 25.88
C PHE A 295 -12.29 -3.74 25.75
N LYS A 296 -11.74 -4.33 26.79
CA LYS A 296 -11.36 -5.75 26.68
C LYS A 296 -12.59 -6.67 26.61
N ALA A 297 -13.73 -6.27 27.22
CA ALA A 297 -14.92 -7.11 27.20
C ALA A 297 -15.70 -6.99 25.90
N ASN A 298 -15.36 -5.99 25.07
CA ASN A 298 -16.13 -5.71 23.84
C ASN A 298 -15.35 -5.84 22.52
N TYR A 299 -14.02 -5.82 22.57
CA TYR A 299 -13.22 -5.76 21.33
C TYR A 299 -13.13 -7.16 20.72
N GLY A 300 -13.10 -7.13 19.37
CA GLY A 300 -12.74 -8.31 18.60
C GLY A 300 -13.94 -9.28 18.59
N GLU A 301 -15.16 -8.73 18.56
CA GLU A 301 -16.42 -9.50 18.59
C GLU A 301 -17.34 -8.96 17.50
N LYS A 302 -17.94 -9.86 16.72
CA LYS A 302 -18.80 -9.50 15.58
C LYS A 302 -20.02 -8.72 16.07
N ASP A 303 -20.56 -9.16 17.21
CA ASP A 303 -21.71 -8.56 17.89
C ASP A 303 -21.84 -7.01 17.78
N PRO A 304 -22.75 -6.51 16.92
CA PRO A 304 -22.98 -5.06 16.75
C PRO A 304 -23.11 -4.25 17.99
N ALA A 305 -23.66 -4.82 19.05
CA ALA A 305 -23.74 -4.11 20.36
C ALA A 305 -22.32 -3.86 20.92
N LYS A 306 -21.46 -4.87 20.84
CA LYS A 306 -20.10 -4.77 21.40
C LYS A 306 -19.22 -3.81 20.57
N VAL A 307 -19.35 -3.88 19.26
CA VAL A 307 -18.69 -2.94 18.37
C VAL A 307 -19.14 -1.50 18.68
N ALA A 308 -20.43 -1.30 18.92
CA ALA A 308 -20.95 0.06 19.17
C ALA A 308 -20.40 0.62 20.50
N VAL A 309 -20.26 -0.25 21.50
CA VAL A 309 -19.56 0.05 22.78
C VAL A 309 -18.09 0.43 22.51
N VAL A 310 -17.40 -0.32 21.65
CA VAL A 310 -16.01 0.06 21.30
C VAL A 310 -15.94 1.46 20.64
N LYS A 311 -16.83 1.71 19.68
CA LYS A 311 -16.96 3.04 19.03
C LYS A 311 -17.25 4.17 20.01
N ARG A 312 -18.26 3.95 20.83
CA ARG A 312 -18.57 4.87 21.92
C ARG A 312 -17.35 5.06 22.83
N LEU A 313 -16.61 4.01 23.17
CA LEU A 313 -15.41 4.26 24.00
C LEU A 313 -14.42 5.21 23.28
N TYR A 314 -14.24 5.02 21.95
CA TYR A 314 -13.28 5.85 21.24
C TYR A 314 -13.73 7.33 21.15
N SER A 315 -15.03 7.56 20.93
CA SER A 315 -15.62 8.92 20.81
C SER A 315 -15.52 9.70 22.12
N LYS A 316 -15.90 9.06 23.21
CA LYS A 316 -15.73 9.65 24.53
C LYS A 316 -14.25 9.96 24.89
N ALA A 317 -13.27 9.23 24.33
CA ALA A 317 -11.86 9.35 24.75
C ALA A 317 -11.12 10.49 24.05
N ASN A 318 -11.82 11.16 23.15
CA ASN A 318 -11.32 12.37 22.50
C ASN A 318 -10.04 12.07 21.72
N LEU A 319 -10.11 11.05 20.89
CA LEU A 319 -8.95 10.65 20.11
C LEU A 319 -8.67 11.66 19.03
N GLN A 320 -9.66 12.46 18.62
CA GLN A 320 -9.41 13.58 17.69
C GLN A 320 -8.27 14.47 18.17
N ALA A 321 -8.20 14.69 19.47
CA ALA A 321 -7.11 15.51 20.02
C ALA A 321 -5.76 14.81 19.95
N ASP A 322 -5.73 13.50 20.21
CA ASP A 322 -4.48 12.75 20.04
C ASP A 322 -4.07 12.81 18.56
N PHE A 323 -5.07 12.72 17.65
CA PHE A 323 -4.82 12.73 16.18
C PHE A 323 -4.25 14.06 15.69
N ALA A 324 -4.82 15.15 16.18
CA ALA A 324 -4.28 16.47 15.85
C ALA A 324 -2.85 16.63 16.32
N ALA A 325 -2.53 16.20 17.54
CA ALA A 325 -1.17 16.21 18.04
C ALA A 325 -0.20 15.31 17.22
N TYR A 326 -0.68 14.14 16.79
CA TYR A 326 0.12 13.24 15.99
C TYR A 326 0.44 13.94 14.66
N GLU A 327 -0.57 14.53 14.07
CA GLU A 327 -0.52 15.22 12.83
C GLU A 327 0.47 16.37 12.79
N ALA A 328 0.37 17.25 13.80
CA ALA A 328 1.34 18.33 14.01
C ALA A 328 2.75 17.86 14.04
N GLU A 329 3.01 16.83 14.83
CA GLU A 329 4.34 16.28 14.95
C GLU A 329 4.86 15.68 13.60
N VAL A 330 3.98 15.00 12.87
CA VAL A 330 4.33 14.48 11.54
C VAL A 330 4.66 15.65 10.58
N VAL A 331 3.85 16.70 10.58
CA VAL A 331 4.13 17.89 9.77
C VAL A 331 5.52 18.45 10.08
N ARG A 332 5.84 18.59 11.37
CA ARG A 332 7.21 18.94 11.79
C ARG A 332 8.28 18.10 11.18
N GLU A 333 8.16 16.79 11.34
CA GLU A 333 9.23 15.87 11.01
C GLU A 333 9.34 15.78 9.47
N VAL A 334 8.20 15.81 8.80
CA VAL A 334 8.19 15.69 7.32
C VAL A 334 8.83 16.92 6.69
N GLU A 335 8.45 18.10 7.18
CA GLU A 335 9.10 19.36 6.77
C GLU A 335 10.62 19.33 7.03
N SER A 336 11.03 18.69 8.12
CA SER A 336 12.44 18.65 8.47
C SER A 336 13.18 17.81 7.44
N LEU A 337 12.59 16.64 7.20
CA LEU A 337 13.19 15.71 6.21
C LEU A 337 13.20 16.32 4.79
N ILE A 338 12.16 17.04 4.44
CA ILE A 338 12.17 17.72 3.15
C ILE A 338 13.31 18.72 3.02
N GLU A 339 13.52 19.52 4.05
CA GLU A 339 14.69 20.37 4.08
C GLU A 339 16.00 19.65 3.97
N GLN A 340 16.19 18.55 4.70
CA GLN A 340 17.40 17.81 4.59
C GLN A 340 17.63 17.27 3.09
N LEU A 341 16.51 16.96 2.41
CA LEU A 341 16.51 16.39 1.06
C LEU A 341 16.98 17.44 0.05
N LYS A 342 16.64 18.71 0.33
CA LYS A 342 17.10 19.88 -0.51
C LYS A 342 18.59 20.09 -0.65
N VAL A 343 19.38 19.65 0.32
CA VAL A 343 20.86 19.73 0.31
C VAL A 343 21.44 19.04 -0.92
N LYS A 344 20.87 17.90 -1.27
CA LYS A 344 21.30 17.15 -2.44
C LYS A 344 20.38 17.29 -3.62
N SER A 345 19.06 17.31 -3.46
CA SER A 345 18.13 17.51 -4.62
C SER A 345 16.88 18.29 -4.31
N PRO A 346 16.87 19.59 -4.69
CA PRO A 346 15.65 20.37 -4.62
C PRO A 346 14.47 19.73 -5.28
N THR A 347 14.66 19.27 -6.51
CA THR A 347 13.69 18.58 -7.32
C THR A 347 13.07 17.40 -6.57
N PHE A 348 13.96 16.54 -6.06
CA PHE A 348 13.48 15.30 -5.38
C PHE A 348 12.69 15.77 -4.16
N ALA A 349 13.26 16.73 -3.40
CA ALA A 349 12.55 17.27 -2.22
C ALA A 349 11.16 17.76 -2.56
N GLU A 350 11.01 18.44 -3.70
CA GLU A 350 9.71 18.91 -4.15
C GLU A 350 8.76 17.78 -4.54
N SER A 351 9.27 16.67 -5.11
CA SER A 351 8.41 15.48 -5.31
C SER A 351 7.87 14.93 -4.02
N VAL A 352 8.75 14.82 -3.02
CA VAL A 352 8.34 14.36 -1.70
C VAL A 352 7.30 15.33 -1.09
N ALA A 353 7.58 16.63 -1.15
CA ALA A 353 6.52 17.64 -0.80
C ALA A 353 5.18 17.38 -1.44
N VAL A 354 5.16 17.06 -2.73
CA VAL A 354 3.91 16.80 -3.42
C VAL A 354 3.28 15.49 -2.89
N VAL A 355 4.10 14.49 -2.65
CA VAL A 355 3.60 13.25 -2.05
C VAL A 355 2.97 13.48 -0.68
N TRP A 356 3.68 14.30 0.13
CA TRP A 356 3.17 14.67 1.46
C TRP A 356 1.84 15.43 1.32
N GLU A 357 1.75 16.41 0.45
CA GLU A 357 0.55 17.23 0.41
C GLU A 357 -0.63 16.40 -0.10
N LYS A 358 -0.41 15.44 -1.00
CA LYS A 358 -1.51 14.54 -1.42
C LYS A 358 -1.93 13.55 -0.37
N THR A 359 -1.06 13.23 0.54
CA THR A 359 -1.42 12.39 1.64
C THR A 359 -2.19 13.16 2.74
N HIS A 360 -1.64 14.32 3.06
CA HIS A 360 -2.12 15.18 4.15
C HIS A 360 -3.49 15.80 3.84
N LYS A 361 -3.69 16.27 2.63
CA LYS A 361 -4.97 16.93 2.24
C LYS A 361 -6.24 16.05 2.28
N ARG A 362 -6.12 14.76 1.94
CA ARG A 362 -7.28 13.92 1.49
C ARG A 362 -8.44 13.69 2.49
#